data_7YCJ
#
_entry.id   7YCJ
#
_cell.length_a   147.446
_cell.length_b   147.446
_cell.length_c   121.514
_cell.angle_alpha   90.000
_cell.angle_beta   90.000
_cell.angle_gamma   90.000
#
_symmetry.space_group_name_H-M   'I 4 2 2'
#
loop_
_entity.id
_entity.type
_entity.pdbx_description
1 polymer 'Vacuolar protein 8'
2 polymer 'vacuole-related protein 17'
3 water water
#
loop_
_entity_poly.entity_id
_entity_poly.type
_entity_poly.pdbx_seq_one_letter_code
_entity_poly.pdbx_strand_id
1 'polypeptide(L)'
;KDSSDEASVSPIADNEREAVTLLLGYLEDKDQLDFYSGGPLKALTTLVYSDNLNLQRSAALAFAEITEKYVRQVSREVLE
PILILLQSQDPQIQVAACAALGNLAVNNENKLLIVEMGGLEPLINQMMGDNVEVQCNAVGCITNLATRDDNKHKIATSGA
LIPLTKLAKSKHIRVQRNATGALLNMTHSEENRKELVNAGAVPVLVSLLSSTDPDVQYYCTTALSNIAVDEANRKKLAQT
EPRLVSKLVSLMDSPSSRVKCQATLALRNLASDTSYQLEIVRAGGLPHLVKLIQSDSIPLVLASVACIRNISIHPLNEGL
IVDAGFLKPLVRLLDYKDSEEIQCHAVSTLRNLAASSEKNRKEFFESGAVEKCKELALDSPVSVQSEISACFAILALADV
SKLDLLEANILDALIPMTFSQNQEVSGNAAAALANLCSRVNNYTKIIEAWDRPNEGIRGFLIRFLKSDYATFEHIALWTI
LQLLESHNDKVEDLVKNDDDIINGVRK
;
A
2 'polypeptide(L)' SSASFFRPSNPTFGTSISNVQVNCHPTVAATMAPSRNGPRISSSKALLSSFIARSD B
#
# COMPACT_ATOMS: atom_id res chain seq x y z
N GLU A 6 52.19 41.88 14.48
CA GLU A 6 50.70 41.78 14.41
C GLU A 6 50.30 40.30 14.36
N ALA A 7 49.56 39.91 13.32
CA ALA A 7 49.10 38.52 13.13
C ALA A 7 48.44 38.01 14.42
N SER A 8 47.36 38.68 14.85
CA SER A 8 46.63 38.29 16.09
C SER A 8 47.60 38.17 17.26
N VAL A 9 48.22 39.29 17.66
CA VAL A 9 49.19 39.29 18.79
C VAL A 9 48.47 38.82 20.07
N SER A 10 47.24 39.30 20.29
CA SER A 10 46.45 38.93 21.48
C SER A 10 46.12 37.42 21.44
N PRO A 11 46.09 36.72 22.60
CA PRO A 11 45.80 35.28 22.63
C PRO A 11 44.30 34.99 22.75
N ILE A 12 43.96 33.78 23.21
CA ILE A 12 42.54 33.35 23.39
C ILE A 12 41.99 34.00 24.67
N ALA A 13 40.66 34.12 24.77
CA ALA A 13 40.03 34.71 25.94
C ALA A 13 40.19 33.82 27.17
N ASP A 14 40.30 34.47 28.33
CA ASP A 14 40.49 33.76 29.59
C ASP A 14 39.41 32.71 29.82
N ASN A 15 38.15 33.09 29.64
CA ASN A 15 37.07 32.13 29.88
C ASN A 15 37.10 31.01 28.85
N GLU A 16 37.60 31.27 27.65
CA GLU A 16 37.70 30.22 26.65
C GLU A 16 38.89 29.32 26.90
N ARG A 17 39.97 29.84 27.50
CA ARG A 17 41.07 28.97 27.90
C ARG A 17 40.65 28.02 29.00
N GLU A 18 39.89 28.51 29.98
CA GLU A 18 39.39 27.62 31.03
C GLU A 18 38.44 26.57 30.45
N ALA A 19 37.58 26.98 29.51
CA ALA A 19 36.68 26.02 28.86
C ALA A 19 37.47 24.94 28.13
N VAL A 20 38.55 25.32 27.44
CA VAL A 20 39.36 24.35 26.73
C VAL A 20 39.94 23.31 27.69
N THR A 21 40.49 23.77 28.83
CA THR A 21 41.13 22.86 29.76
C THR A 21 40.10 21.97 30.45
N LEU A 22 38.95 22.54 30.83
CA LEU A 22 37.90 21.76 31.46
C LEU A 22 37.40 20.67 30.52
N LEU A 23 37.08 21.04 29.27
CA LEU A 23 36.53 20.08 28.33
C LEU A 23 37.52 18.95 28.05
N LEU A 24 38.79 19.29 27.85
CA LEU A 24 39.80 18.26 27.61
C LEU A 24 39.85 17.26 28.77
N GLY A 25 39.73 17.76 30.00
CA GLY A 25 39.74 16.86 31.15
C GLY A 25 38.51 15.98 31.19
N TYR A 26 37.35 16.53 30.83
CA TYR A 26 36.13 15.74 30.77
C TYR A 26 36.25 14.61 29.76
N LEU A 27 36.72 14.94 28.55
CA LEU A 27 36.84 13.95 27.49
C LEU A 27 37.89 12.88 27.80
N GLU A 28 38.85 13.18 28.67
CA GLU A 28 39.88 12.22 29.03
C GLU A 28 39.44 11.29 30.16
N ASP A 29 38.43 11.66 30.92
CA ASP A 29 37.96 10.83 32.03
C ASP A 29 37.24 9.60 31.51
N LYS A 30 37.55 8.44 32.09
CA LYS A 30 36.90 7.18 31.73
C LYS A 30 35.77 6.85 32.69
N ASP A 31 34.79 7.74 32.78
CA ASP A 31 33.59 7.48 33.58
C ASP A 31 32.33 7.67 32.73
N LEU A 33 30.19 10.24 33.55
CA LEU A 33 30.27 11.72 33.40
C LEU A 33 29.12 12.19 32.50
N ASP A 34 28.25 13.06 33.03
CA ASP A 34 27.09 13.59 32.28
C ASP A 34 27.53 14.84 31.49
N PHE A 35 27.67 14.71 30.17
CA PHE A 35 28.09 15.82 29.32
C PHE A 35 26.95 16.76 28.96
N TYR A 36 25.71 16.41 29.30
CA TYR A 36 24.54 17.13 28.82
C TYR A 36 23.93 18.07 29.84
N SER A 37 24.61 18.36 30.94
CA SER A 37 23.89 19.06 31.99
C SER A 37 24.67 20.24 32.57
N GLY A 38 25.90 20.01 33.03
CA GLY A 38 26.57 21.03 33.80
C GLY A 38 27.87 21.57 33.24
N GLY A 39 28.95 21.30 33.96
CA GLY A 39 30.29 21.73 33.60
C GLY A 39 30.67 21.41 32.16
N PRO A 40 30.53 20.13 31.76
CA PRO A 40 30.85 19.80 30.36
C PRO A 40 30.01 20.59 29.36
N LEU A 41 28.70 20.73 29.62
CA LEU A 41 27.86 21.47 28.70
C LEU A 41 28.22 22.95 28.67
N LYS A 42 28.55 23.52 29.83
CA LYS A 42 28.92 24.93 29.86
C LYS A 42 30.21 25.18 29.12
N ALA A 43 31.17 24.27 29.24
CA ALA A 43 32.43 24.39 28.51
C ALA A 43 32.20 24.31 27.00
N LEU A 44 31.40 23.33 26.57
CA LEU A 44 31.11 23.19 25.14
C LEU A 44 30.42 24.44 24.60
N THR A 45 29.50 25.01 25.37
CA THR A 45 28.77 26.20 24.90
C THR A 45 29.69 27.41 24.80
N THR A 46 30.64 27.53 25.73
CA THR A 46 31.60 28.63 25.68
C THR A 46 32.40 28.58 24.38
N LEU A 47 32.85 27.39 23.98
CA LEU A 47 33.62 27.26 22.74
C LEU A 47 32.76 27.52 21.51
N VAL A 48 31.49 27.11 21.58
CA VAL A 48 30.53 27.31 20.45
C VAL A 48 30.14 28.79 20.36
N TYR A 49 30.70 29.61 21.26
CA TYR A 49 30.40 31.07 21.29
C TYR A 49 31.67 31.86 20.97
N SER A 50 32.80 31.16 20.80
CA SER A 50 34.06 31.79 20.52
CA SER A 50 34.07 31.79 20.51
C SER A 50 34.10 32.27 19.07
N ASP A 51 34.82 33.36 18.83
CA ASP A 51 35.05 33.78 17.47
C ASP A 51 36.31 33.17 16.89
N ASN A 52 36.87 32.17 17.57
CA ASN A 52 37.98 31.38 17.06
C ASN A 52 37.40 30.13 16.40
N LEU A 53 37.59 30.01 15.08
CA LEU A 53 37.05 28.88 14.34
C LEU A 53 37.57 27.54 14.86
N ASN A 54 38.84 27.49 15.29
CA ASN A 54 39.40 26.23 15.78
C ASN A 54 38.73 25.80 17.07
N LEU A 55 38.38 26.75 17.94
CA LEU A 55 37.64 26.40 19.15
C LEU A 55 36.24 25.91 18.82
N GLN A 56 35.61 26.48 17.78
CA GLN A 56 34.30 25.99 17.35
C GLN A 56 34.41 24.59 16.76
N ARG A 57 35.49 24.31 16.02
CA ARG A 57 35.71 22.95 15.52
C ARG A 57 35.88 21.97 16.68
N SER A 58 36.57 22.40 17.74
CA SER A 58 36.78 21.52 18.88
C SER A 58 35.46 21.13 19.52
N ALA A 59 34.55 22.09 19.68
CA ALA A 59 33.24 21.78 20.26
C ALA A 59 32.44 20.87 19.34
N ALA A 60 32.41 21.19 18.04
CA ALA A 60 31.66 20.36 17.10
C ALA A 60 32.18 18.93 17.08
N LEU A 61 33.51 18.77 17.09
CA LEU A 61 34.08 17.43 17.13
C LEU A 61 33.76 16.73 18.44
N ALA A 62 33.82 17.46 19.55
CA ALA A 62 33.49 16.87 20.84
C ALA A 62 32.03 16.46 20.90
N PHE A 63 31.13 17.32 20.42
CA PHE A 63 29.71 16.97 20.36
C PHE A 63 29.49 15.65 19.64
N ALA A 64 30.15 15.49 18.49
CA ALA A 64 29.96 14.27 17.70
C ALA A 64 30.50 13.05 18.43
N GLU A 65 31.65 13.18 19.08
CA GLU A 65 32.20 12.05 19.84
C GLU A 65 31.33 11.73 21.04
N ILE A 66 30.84 12.76 21.73
CA ILE A 66 30.02 12.53 22.93
C ILE A 66 28.72 11.85 22.55
N THR A 67 28.03 12.34 21.52
CA THR A 67 26.74 11.78 21.18
C THR A 67 26.87 10.39 20.56
N GLU A 68 28.00 10.10 19.92
CA GLU A 68 28.22 8.76 19.39
C GLU A 68 28.35 7.72 20.50
N LYS A 69 28.59 8.15 21.73
CA LYS A 69 28.77 7.25 22.85
C LYS A 69 27.70 7.42 23.93
N TYR A 70 26.92 8.50 23.89
CA TYR A 70 25.89 8.79 24.88
C TYR A 70 24.65 9.28 24.13
N VAL A 71 23.70 8.39 23.89
CA VAL A 71 22.46 8.76 23.21
C VAL A 71 21.36 8.79 24.26
N ARG A 72 20.97 10.00 24.68
CA ARG A 72 19.93 10.18 25.68
C ARG A 72 18.97 11.27 25.22
N GLN A 73 17.86 11.40 25.93
CA GLN A 73 16.98 12.54 25.75
C GLN A 73 17.63 13.77 26.38
N VAL A 74 17.78 14.83 25.60
CA VAL A 74 18.57 15.99 26.01
C VAL A 74 17.66 17.21 26.14
N SER A 75 18.22 18.26 26.71
CA SER A 75 17.55 19.53 26.93
C SER A 75 17.67 20.41 25.70
N ARG A 76 16.91 21.51 25.68
CA ARG A 76 17.14 22.54 24.68
C ARG A 76 18.56 23.08 24.77
N GLU A 77 19.09 23.17 26.00
CA GLU A 77 20.43 23.69 26.22
C GLU A 77 21.51 22.82 25.59
N VAL A 78 21.21 21.55 25.32
CA VAL A 78 22.15 20.72 24.55
C VAL A 78 21.99 20.99 23.06
N LEU A 79 20.75 21.17 22.59
CA LEU A 79 20.53 21.28 21.15
C LEU A 79 20.85 22.67 20.62
N GLU A 80 20.65 23.71 21.43
CA GLU A 80 20.90 25.08 20.95
C GLU A 80 22.31 25.26 20.41
N PRO A 81 23.39 24.88 21.12
CA PRO A 81 24.73 25.08 20.54
C PRO A 81 24.97 24.27 19.28
N ILE A 82 24.40 23.06 19.19
CA ILE A 82 24.56 22.25 17.99
C ILE A 82 23.88 22.93 16.81
N LEU A 83 22.65 23.41 17.00
CA LEU A 83 21.95 24.08 15.91
C LEU A 83 22.65 25.35 15.48
N ILE A 84 23.34 26.03 16.40
CA ILE A 84 24.18 27.16 16.04
C ILE A 84 25.30 26.72 15.11
N LEU A 85 26.02 25.66 15.50
CA LEU A 85 27.15 25.19 14.70
C LEU A 85 26.71 24.71 13.32
N LEU A 86 25.47 24.23 13.18
CA LEU A 86 24.98 23.79 11.88
C LEU A 86 24.97 24.92 10.86
N GLN A 87 24.88 26.16 11.32
CA GLN A 87 24.82 27.32 10.44
C GLN A 87 26.20 27.84 10.04
N SER A 88 27.27 27.13 10.42
CA SER A 88 28.61 27.61 10.13
C SER A 88 28.90 27.56 8.63
N GLN A 89 29.73 28.50 8.18
CA GLN A 89 30.30 28.41 6.84
C GLN A 89 31.43 27.39 6.74
N ASP A 90 31.88 26.83 7.87
CA ASP A 90 33.03 25.95 7.87
C ASP A 90 32.60 24.51 7.63
N PRO A 91 33.07 23.87 6.56
CA PRO A 91 32.65 22.48 6.29
C PRO A 91 32.93 21.52 7.43
N GLN A 92 34.10 21.60 8.07
CA GLN A 92 34.41 20.70 9.17
C GLN A 92 33.44 20.88 10.33
N ILE A 93 33.05 22.12 10.62
CA ILE A 93 32.09 22.35 11.68
C ILE A 93 30.73 21.80 11.29
N GLN A 94 30.34 21.96 10.03
CA GLN A 94 29.04 21.48 9.58
C GLN A 94 28.95 19.96 9.64
N VAL A 95 29.99 19.26 9.19
CA VAL A 95 30.00 17.80 9.21
C VAL A 95 29.82 17.29 10.64
N ALA A 96 30.67 17.75 11.54
CA ALA A 96 30.67 17.23 12.91
C ALA A 96 29.36 17.58 13.63
N ALA A 97 28.91 18.83 13.49
CA ALA A 97 27.68 19.24 14.16
C ALA A 97 26.48 18.47 13.65
N CYS A 98 26.46 18.16 12.35
CA CYS A 98 25.34 17.39 11.83
C CYS A 98 25.43 15.93 12.26
N ALA A 99 26.64 15.37 12.27
CA ALA A 99 26.82 14.03 12.81
C ALA A 99 26.28 13.93 14.23
N ALA A 100 26.58 14.93 15.06
CA ALA A 100 26.10 14.94 16.43
C ALA A 100 24.57 14.98 16.47
N LEU A 101 23.96 15.89 15.71
CA LEU A 101 22.51 15.97 15.66
C LEU A 101 21.90 14.68 15.14
N GLY A 102 22.54 14.06 14.14
CA GLY A 102 22.08 12.78 13.65
C GLY A 102 22.14 11.69 14.70
N ASN A 103 23.21 11.70 15.52
CA ASN A 103 23.31 10.74 16.61
C ASN A 103 22.19 10.93 17.61
N LEU A 104 21.96 12.18 18.03
CA LEU A 104 20.91 12.44 19.02
C LEU A 104 19.53 12.13 18.45
N ALA A 105 19.36 12.21 17.13
CA ALA A 105 18.06 12.03 16.51
C ALA A 105 17.63 10.58 16.41
N VAL A 106 18.48 9.62 16.77
CA VAL A 106 18.00 8.24 16.84
C VAL A 106 17.07 8.07 18.04
N ASN A 107 17.19 8.94 19.03
CA ASN A 107 16.24 8.94 20.14
C ASN A 107 14.91 9.52 19.69
N ASN A 108 13.82 8.96 20.22
CA ASN A 108 12.48 9.32 19.75
C ASN A 108 12.09 10.71 20.25
N GLU A 109 12.27 10.97 21.55
CA GLU A 109 11.91 12.28 22.10
C GLU A 109 12.74 13.39 21.47
N ASN A 110 14.01 13.10 21.15
CA ASN A 110 14.85 14.09 20.49
C ASN A 110 14.33 14.44 19.11
N LYS A 111 13.70 13.48 18.42
CA LYS A 111 13.13 13.76 17.11
C LYS A 111 12.11 14.88 17.18
N LEU A 112 11.36 14.95 18.27
CA LEU A 112 10.34 16.00 18.40
C LEU A 112 10.96 17.34 18.77
N LEU A 113 11.84 17.34 19.78
CA LEU A 113 12.42 18.60 20.24
C LEU A 113 13.26 19.26 19.16
N ILE A 114 13.96 18.46 18.35
CA ILE A 114 14.81 19.03 17.30
C ILE A 114 13.96 19.81 16.30
N VAL A 115 12.84 19.23 15.87
CA VAL A 115 11.99 19.91 14.91
C VAL A 115 11.26 21.09 15.55
N GLU A 116 10.82 20.91 16.80
CA GLU A 116 10.17 22.01 17.52
C GLU A 116 11.09 23.22 17.66
N MET A 117 12.41 23.00 17.70
CA MET A 117 13.37 24.08 17.82
C MET A 117 13.84 24.63 16.48
N GLY A 118 13.21 24.21 15.38
CA GLY A 118 13.61 24.70 14.09
C GLY A 118 14.85 24.06 13.52
N GLY A 119 15.14 22.83 13.96
CA GLY A 119 16.32 22.09 13.49
C GLY A 119 16.21 21.68 12.04
N LEU A 120 14.98 21.72 11.49
CA LEU A 120 14.73 21.33 10.08
C LEU A 120 15.30 22.39 9.14
N GLU A 121 15.36 23.65 9.59
CA GLU A 121 15.89 24.77 8.77
C GLU A 121 17.34 24.48 8.37
N PRO A 122 18.31 24.49 9.32
CA PRO A 122 19.72 24.23 9.01
C PRO A 122 19.93 22.96 8.16
N LEU A 123 19.12 21.92 8.40
CA LEU A 123 19.26 20.68 7.65
C LEU A 123 18.88 20.85 6.19
N ILE A 124 17.82 21.63 5.93
CA ILE A 124 17.37 21.85 4.56
C ILE A 124 18.46 22.55 3.76
N ASN A 125 19.05 23.60 4.34
CA ASN A 125 20.07 24.37 3.62
C ASN A 125 21.33 23.53 3.40
N GLN A 126 21.74 22.74 4.39
CA GLN A 126 22.90 21.88 4.20
C GLN A 126 22.68 20.91 3.05
N MET A 127 21.45 20.42 2.89
CA MET A 127 21.16 19.50 1.79
C MET A 127 21.26 20.19 0.44
N MET A 128 21.00 21.50 0.39
CA MET A 128 21.12 22.26 -0.84
C MET A 128 22.56 22.62 -1.17
N GLY A 129 23.50 22.41 -0.26
CA GLY A 129 24.89 22.69 -0.51
C GLY A 129 25.55 21.66 -1.41
N ASP A 130 26.85 21.88 -1.64
CA ASP A 130 27.62 21.07 -2.58
C ASP A 130 28.55 20.08 -1.91
N ASN A 131 28.65 20.08 -0.59
CA ASN A 131 29.54 19.17 0.13
C ASN A 131 28.80 17.84 0.34
N VAL A 132 29.31 16.77 -0.27
CA VAL A 132 28.55 15.52 -0.27
C VAL A 132 28.48 14.92 1.14
N GLU A 133 29.53 15.11 1.94
CA GLU A 133 29.49 14.57 3.30
C GLU A 133 28.45 15.28 4.16
N VAL A 134 28.36 16.62 4.08
CA VAL A 134 27.33 17.30 4.86
C VAL A 134 25.95 16.93 4.31
N GLN A 135 25.82 16.82 2.99
CA GLN A 135 24.56 16.36 2.40
C GLN A 135 24.16 15.02 3.00
N CYS A 136 25.13 14.10 3.11
CA CYS A 136 24.84 12.76 3.57
C CYS A 136 24.39 12.75 5.03
N ASN A 137 25.12 13.45 5.90
CA ASN A 137 24.73 13.49 7.30
C ASN A 137 23.40 14.23 7.49
N ALA A 138 23.18 15.28 6.71
CA ALA A 138 21.94 16.05 6.83
C ALA A 138 20.74 15.24 6.35
N VAL A 139 20.87 14.58 5.21
CA VAL A 139 19.76 13.79 4.70
C VAL A 139 19.52 12.57 5.58
N GLY A 140 20.56 12.05 6.22
CA GLY A 140 20.36 10.95 7.15
C GLY A 140 19.65 11.39 8.40
N CYS A 141 20.04 12.55 8.93
CA CYS A 141 19.34 13.11 10.07
C CYS A 141 17.88 13.42 9.73
N ILE A 142 17.62 13.81 8.48
CA ILE A 142 16.25 14.12 8.08
C ILE A 142 15.41 12.84 8.02
N THR A 143 15.93 11.80 7.36
CA THR A 143 15.23 10.51 7.33
C THR A 143 14.97 10.01 8.75
N ASN A 144 15.96 10.16 9.64
CA ASN A 144 15.81 9.70 11.01
C ASN A 144 14.76 10.50 11.75
N LEU A 145 14.64 11.80 11.48
CA LEU A 145 13.61 12.61 12.13
C LEU A 145 12.22 12.23 11.62
N ALA A 146 12.12 11.83 10.35
CA ALA A 146 10.83 11.54 9.73
C ALA A 146 10.19 10.26 10.23
N THR A 147 10.90 9.47 11.05
CA THR A 147 10.32 8.22 11.52
C THR A 147 9.09 8.45 12.39
N ARG A 148 8.98 9.62 13.02
CA ARG A 148 7.85 9.92 13.86
C ARG A 148 6.78 10.66 13.06
N ASP A 149 5.55 10.16 13.13
CA ASP A 149 4.47 10.68 12.29
C ASP A 149 4.17 12.14 12.60
N ASP A 150 4.37 12.58 13.84
CA ASP A 150 4.17 13.98 14.18
C ASP A 150 5.04 14.88 13.31
N ASN A 151 6.28 14.47 13.06
CA ASN A 151 7.21 15.30 12.30
C ASN A 151 7.00 15.23 10.80
N LYS A 152 6.29 14.20 10.30
CA LYS A 152 6.26 13.98 8.86
C LYS A 152 5.54 15.11 8.14
N HIS A 153 4.40 15.55 8.65
CA HIS A 153 3.68 16.62 7.97
C HIS A 153 4.47 17.92 7.95
N LYS A 154 5.14 18.26 9.05
CA LYS A 154 5.86 19.53 9.05
C LYS A 154 7.14 19.44 8.23
N ILE A 155 7.75 18.25 8.14
CA ILE A 155 8.82 18.07 7.18
C ILE A 155 8.28 18.26 5.77
N ALA A 156 7.09 17.71 5.51
CA ALA A 156 6.50 17.79 4.17
C ALA A 156 6.19 19.24 3.77
N THR A 157 5.94 20.11 4.74
CA THR A 157 5.61 21.50 4.46
C THR A 157 6.75 22.47 4.77
N SER A 158 7.87 21.97 5.30
CA SER A 158 8.99 22.84 5.65
C SER A 158 9.74 23.35 4.42
N GLY A 159 9.52 22.76 3.25
CA GLY A 159 10.35 23.00 2.10
C GLY A 159 11.47 22.01 1.92
N ALA A 160 11.51 20.94 2.71
CA ALA A 160 12.57 19.96 2.66
C ALA A 160 12.40 18.95 1.52
N LEU A 161 11.22 18.87 0.91
CA LEU A 161 11.05 17.93 -0.18
C LEU A 161 11.80 18.35 -1.43
N ILE A 162 12.10 19.64 -1.56
CA ILE A 162 12.88 20.15 -2.68
C ILE A 162 14.32 19.64 -2.57
N PRO A 163 15.03 19.82 -1.46
CA PRO A 163 16.37 19.24 -1.36
C PRO A 163 16.38 17.73 -1.45
N LEU A 164 15.36 17.07 -0.89
CA LEU A 164 15.28 15.61 -1.00
C LEU A 164 15.13 15.19 -2.44
N THR A 165 14.35 15.94 -3.23
CA THR A 165 14.19 15.65 -4.64
C THR A 165 15.50 15.86 -5.40
N LYS A 166 16.21 16.95 -5.10
CA LYS A 166 17.51 17.19 -5.74
C LYS A 166 18.48 16.08 -5.38
N LEU A 167 18.57 15.73 -4.10
CA LEU A 167 19.52 14.72 -3.67
C LEU A 167 19.17 13.34 -4.20
N ALA A 168 17.89 13.10 -4.49
CA ALA A 168 17.50 11.83 -5.10
C ALA A 168 18.19 11.61 -6.44
N LYS A 169 18.73 12.66 -7.03
CA LYS A 169 19.45 12.58 -8.30
C LYS A 169 20.97 12.55 -8.11
N SER A 170 21.44 12.34 -6.88
CA SER A 170 22.87 12.37 -6.59
C SER A 170 23.55 11.09 -7.05
N LYS A 171 24.81 11.25 -7.49
CA LYS A 171 25.58 10.10 -7.97
C LYS A 171 26.22 9.30 -6.85
N HIS A 172 26.16 9.78 -5.60
CA HIS A 172 26.66 9.02 -4.46
C HIS A 172 25.51 8.20 -3.88
N ILE A 173 25.69 6.87 -3.85
CA ILE A 173 24.57 5.97 -3.59
C ILE A 173 24.10 6.09 -2.14
N ARG A 174 24.98 6.41 -1.21
CA ARG A 174 24.55 6.71 0.15
C ARG A 174 23.53 7.84 0.15
N VAL A 175 23.88 8.95 -0.49
CA VAL A 175 22.99 10.10 -0.60
C VAL A 175 21.67 9.71 -1.25
N GLN A 176 21.74 8.98 -2.36
CA GLN A 176 20.55 8.70 -3.15
C GLN A 176 19.60 7.75 -2.43
N ARG A 177 20.16 6.74 -1.74
CA ARG A 177 19.32 5.82 -0.98
C ARG A 177 18.58 6.53 0.13
N ASN A 178 19.27 7.43 0.84
CA ASN A 178 18.63 8.12 1.95
C ASN A 178 17.58 9.11 1.48
N ALA A 179 17.86 9.81 0.37
CA ALA A 179 16.90 10.78 -0.14
C ALA A 179 15.61 10.08 -0.59
N THR A 180 15.75 8.99 -1.35
CA THR A 180 14.56 8.28 -1.81
C THR A 180 13.85 7.58 -0.65
N GLY A 181 14.61 7.09 0.33
CA GLY A 181 13.99 6.53 1.51
C GLY A 181 13.17 7.57 2.27
N ALA A 182 13.71 8.79 2.39
CA ALA A 182 12.98 9.87 3.05
C ALA A 182 11.72 10.22 2.27
N LEU A 183 11.84 10.40 0.95
CA LEU A 183 10.67 10.66 0.13
C LEU A 183 9.62 9.58 0.32
N LEU A 184 10.05 8.32 0.39
CA LEU A 184 9.11 7.23 0.62
C LEU A 184 8.39 7.40 1.96
N ASN A 185 9.10 7.89 2.97
CA ASN A 185 8.48 8.12 4.27
C ASN A 185 7.41 9.20 4.24
N MET A 186 7.37 10.01 3.17
CA MET A 186 6.41 11.10 3.05
C MET A 186 5.19 10.71 2.21
N THR A 187 4.93 9.42 2.04
CA THR A 187 3.84 8.98 1.19
C THR A 187 2.74 8.26 1.97
N HIS A 188 2.74 8.37 3.29
CA HIS A 188 1.81 7.62 4.12
C HIS A 188 0.52 8.38 4.41
N SER A 189 0.40 9.63 3.98
CA SER A 189 -0.83 10.39 4.14
C SER A 189 -1.12 11.15 2.85
N GLU A 190 -2.41 11.39 2.60
CA GLU A 190 -2.80 12.08 1.37
C GLU A 190 -2.24 13.49 1.32
N GLU A 191 -2.22 14.18 2.47
CA GLU A 191 -1.67 15.53 2.50
C GLU A 191 -0.17 15.50 2.21
N ASN A 192 0.54 14.51 2.72
CA ASN A 192 1.98 14.42 2.49
C ASN A 192 2.27 14.02 1.05
N ARG A 193 1.49 13.08 0.50
CA ARG A 193 1.64 12.73 -0.90
C ARG A 193 1.38 13.93 -1.79
N LYS A 194 0.41 14.78 -1.41
CA LYS A 194 0.12 15.99 -2.16
C LYS A 194 1.30 16.96 -2.12
N GLU A 195 1.86 17.18 -0.93
CA GLU A 195 3.02 18.05 -0.82
C GLU A 195 4.18 17.53 -1.66
N LEU A 196 4.39 16.22 -1.66
CA LEU A 196 5.51 15.66 -2.40
C LEU A 196 5.27 15.74 -3.90
N VAL A 197 4.02 15.54 -4.35
CA VAL A 197 3.71 15.75 -5.75
C VAL A 197 3.92 17.21 -6.13
N ASN A 198 3.46 18.13 -5.27
CA ASN A 198 3.59 19.55 -5.58
C ASN A 198 5.04 20.01 -5.57
N ALA A 199 5.91 19.28 -4.87
CA ALA A 199 7.33 19.64 -4.81
C ALA A 199 8.12 19.18 -6.02
N GLY A 200 7.48 18.50 -6.97
CA GLY A 200 8.16 18.08 -8.18
C GLY A 200 8.89 16.76 -8.09
N ALA A 201 8.57 15.92 -7.11
CA ALA A 201 9.35 14.70 -6.93
C ALA A 201 8.92 13.57 -7.86
N VAL A 202 7.74 13.67 -8.48
CA VAL A 202 7.27 12.58 -9.34
C VAL A 202 8.20 12.32 -10.52
N PRO A 203 8.61 13.32 -11.32
CA PRO A 203 9.55 13.01 -12.41
C PRO A 203 10.80 12.29 -11.94
N VAL A 204 11.32 12.64 -10.77
CA VAL A 204 12.54 12.03 -10.27
C VAL A 204 12.29 10.58 -9.89
N LEU A 205 11.20 10.33 -9.16
CA LEU A 205 10.88 8.94 -8.77
C LEU A 205 10.72 8.05 -9.99
N VAL A 206 10.08 8.57 -11.04
CA VAL A 206 9.81 7.76 -12.22
C VAL A 206 11.11 7.41 -12.93
N SER A 207 11.98 8.41 -13.12
CA SER A 207 13.26 8.14 -13.78
C SER A 207 14.11 7.16 -12.98
N LEU A 208 13.99 7.19 -11.65
CA LEU A 208 14.77 6.30 -10.80
C LEU A 208 14.20 4.89 -10.73
N LEU A 209 13.02 4.64 -11.29
CA LEU A 209 12.60 3.25 -11.50
C LEU A 209 13.63 2.49 -12.31
N SER A 210 14.40 3.21 -13.14
CA SER A 210 15.48 2.66 -13.94
C SER A 210 16.79 2.51 -13.16
N SER A 211 16.79 2.76 -11.85
CA SER A 211 18.05 2.78 -11.12
C SER A 211 18.66 1.40 -11.06
N THR A 212 20.00 1.36 -11.06
CA THR A 212 20.71 0.10 -10.96
C THR A 212 20.83 -0.40 -9.52
N ASP A 213 20.60 0.46 -8.54
CA ASP A 213 20.66 0.01 -7.15
C ASP A 213 19.33 -0.61 -6.76
N PRO A 214 19.32 -1.79 -6.16
CA PRO A 214 18.03 -2.42 -5.80
C PRO A 214 17.25 -1.64 -4.76
N ASP A 215 17.95 -1.07 -3.77
CA ASP A 215 17.26 -0.31 -2.73
C ASP A 215 16.59 0.93 -3.31
N VAL A 216 17.31 1.67 -4.15
CA VAL A 216 16.78 2.91 -4.73
C VAL A 216 15.52 2.62 -5.53
N GLN A 217 15.58 1.61 -6.41
CA GLN A 217 14.41 1.33 -7.24
C GLN A 217 13.27 0.73 -6.42
N TYR A 218 13.58 0.07 -5.29
CA TYR A 218 12.51 -0.38 -4.41
C TYR A 218 11.82 0.80 -3.74
N TYR A 219 12.61 1.76 -3.23
CA TYR A 219 12.02 2.92 -2.57
C TYR A 219 11.12 3.70 -3.53
N CYS A 220 11.60 3.92 -4.75
CA CYS A 220 10.84 4.72 -5.70
C CYS A 220 9.63 3.98 -6.24
N THR A 221 9.73 2.67 -6.43
CA THR A 221 8.55 1.90 -6.83
C THR A 221 7.49 1.95 -5.74
N THR A 222 7.90 1.80 -4.48
CA THR A 222 6.94 1.84 -3.38
C THR A 222 6.34 3.22 -3.21
N ALA A 223 7.13 4.27 -3.41
CA ALA A 223 6.62 5.62 -3.26
C ALA A 223 5.61 5.96 -4.36
N LEU A 224 5.89 5.54 -5.59
CA LEU A 224 4.95 5.79 -6.68
C LEU A 224 3.66 5.00 -6.49
N SER A 225 3.77 3.78 -5.97
CA SER A 225 2.57 2.99 -5.67
C SER A 225 1.69 3.73 -4.66
N ASN A 226 2.29 4.22 -3.58
CA ASN A 226 1.52 4.98 -2.60
C ASN A 226 0.94 6.25 -3.23
N ILE A 227 1.73 6.97 -4.03
CA ILE A 227 1.22 8.18 -4.68
C ILE A 227 0.02 7.85 -5.55
N ALA A 228 0.08 6.73 -6.27
CA ALA A 228 -1.02 6.31 -7.15
C ALA A 228 -2.26 5.89 -6.40
N VAL A 229 -2.27 5.92 -5.06
CA VAL A 229 -3.47 5.52 -4.33
C VAL A 229 -4.53 6.62 -4.35
N ASP A 230 -4.17 7.86 -4.68
CA ASP A 230 -5.09 8.98 -4.69
C ASP A 230 -5.55 9.27 -6.11
N GLU A 231 -6.85 9.53 -6.26
CA GLU A 231 -7.42 9.79 -7.58
C GLU A 231 -6.77 11.01 -8.22
N ALA A 232 -6.59 12.10 -7.46
CA ALA A 232 -6.01 13.32 -8.01
C ALA A 232 -4.58 13.08 -8.52
N ASN A 233 -3.83 12.20 -7.87
CA ASN A 233 -2.47 11.93 -8.31
C ASN A 233 -2.46 11.04 -9.56
N ARG A 234 -3.36 10.07 -9.63
CA ARG A 234 -3.47 9.27 -10.85
C ARG A 234 -3.79 10.17 -12.04
N LYS A 235 -4.62 11.20 -11.83
CA LYS A 235 -4.92 12.13 -12.92
C LYS A 235 -3.68 12.86 -13.39
N LYS A 236 -2.85 13.35 -12.48
CA LYS A 236 -1.65 14.05 -12.91
C LYS A 236 -0.61 13.09 -13.49
N LEU A 237 -0.54 11.87 -12.95
CA LEU A 237 0.36 10.87 -13.52
C LEU A 237 0.01 10.57 -14.96
N ALA A 238 -1.29 10.41 -15.23
CA ALA A 238 -1.74 10.13 -16.60
C ALA A 238 -1.45 11.30 -17.52
N GLN A 239 -1.35 12.51 -16.96
CA GLN A 239 -1.16 13.72 -17.77
C GLN A 239 0.29 14.07 -18.00
N THR A 240 1.21 13.69 -17.09
CA THR A 240 2.59 14.15 -17.17
C THR A 240 3.64 13.04 -17.15
N GLU A 241 3.26 11.77 -17.01
CA GLU A 241 4.22 10.67 -16.93
C GLU A 241 3.82 9.55 -17.90
N PRO A 242 4.05 9.75 -19.19
CA PRO A 242 3.65 8.70 -20.16
C PRO A 242 4.44 7.40 -20.02
N ARG A 243 5.66 7.45 -19.48
CA ARG A 243 6.49 6.25 -19.40
C ARG A 243 6.20 5.40 -18.18
N LEU A 244 5.28 5.81 -17.30
CA LEU A 244 5.15 5.16 -16.00
C LEU A 244 4.75 3.69 -16.11
N VAL A 245 3.75 3.40 -16.94
CA VAL A 245 3.23 2.03 -17.00
C VAL A 245 4.26 1.09 -17.62
N SER A 246 4.94 1.51 -18.67
CA SER A 246 5.93 0.63 -19.29
C SER A 246 7.08 0.36 -18.34
N LYS A 247 7.48 1.35 -17.54
CA LYS A 247 8.56 1.16 -16.58
C LYS A 247 8.14 0.16 -15.51
N LEU A 248 6.90 0.25 -15.04
CA LEU A 248 6.40 -0.67 -14.03
C LEU A 248 6.25 -2.08 -14.59
N VAL A 249 5.75 -2.20 -15.82
CA VAL A 249 5.64 -3.51 -16.45
C VAL A 249 7.02 -4.16 -16.55
N SER A 250 8.02 -3.38 -16.94
CA SER A 250 9.37 -3.90 -17.03
C SER A 250 9.87 -4.39 -15.67
N LEU A 251 9.54 -3.67 -14.61
CA LEU A 251 9.95 -4.08 -13.27
C LEU A 251 9.29 -5.37 -12.81
N MET A 252 8.23 -5.82 -13.47
CA MET A 252 7.69 -7.14 -13.17
C MET A 252 8.62 -8.26 -13.60
N ASP A 253 9.72 -7.94 -14.27
CA ASP A 253 10.76 -8.90 -14.60
C ASP A 253 11.98 -8.75 -13.69
N SER A 254 11.87 -7.98 -12.62
CA SER A 254 13.03 -7.70 -11.79
C SER A 254 13.53 -8.98 -11.12
N PRO A 255 14.85 -9.17 -11.00
CA PRO A 255 15.36 -10.34 -10.27
C PRO A 255 15.00 -10.33 -8.79
N SER A 256 14.48 -9.23 -8.26
CA SER A 256 14.10 -9.12 -6.86
C SER A 256 12.60 -9.29 -6.71
N SER A 257 12.18 -10.29 -5.93
CA SER A 257 10.75 -10.50 -5.71
C SER A 257 10.13 -9.29 -5.05
N ARG A 258 10.90 -8.65 -4.17
CA ARG A 258 10.45 -7.42 -3.46
C ARG A 258 10.06 -6.33 -4.48
N VAL A 259 10.90 -6.11 -5.50
CA VAL A 259 10.62 -5.10 -6.49
C VAL A 259 9.47 -5.53 -7.40
N LYS A 260 9.43 -6.81 -7.78
CA LYS A 260 8.33 -7.27 -8.63
C LYS A 260 7.00 -7.09 -7.93
N CYS A 261 6.96 -7.34 -6.62
CA CYS A 261 5.72 -7.22 -5.88
C CYS A 261 5.24 -5.77 -5.82
N GLN A 262 6.15 -4.83 -5.53
CA GLN A 262 5.73 -3.44 -5.40
C GLN A 262 5.34 -2.82 -6.73
N ALA A 263 5.98 -3.24 -7.82
CA ALA A 263 5.59 -2.77 -9.15
C ALA A 263 4.19 -3.27 -9.51
N THR A 264 3.86 -4.48 -9.11
CA THR A 264 2.52 -5.01 -9.37
C THR A 264 1.49 -4.30 -8.51
N LEU A 265 1.84 -3.99 -7.26
CA LEU A 265 0.92 -3.23 -6.39
C LEU A 265 0.69 -1.83 -6.94
N ALA A 266 1.72 -1.21 -7.51
CA ALA A 266 1.56 0.10 -8.12
C ALA A 266 0.61 0.04 -9.31
N LEU A 267 0.77 -0.98 -10.15
CA LEU A 267 -0.13 -1.16 -11.29
C LEU A 267 -1.56 -1.40 -10.82
N ARG A 268 -1.72 -2.15 -9.73
CA ARG A 268 -3.05 -2.37 -9.16
C ARG A 268 -3.70 -1.05 -8.76
N ASN A 269 -2.95 -0.19 -8.07
CA ASN A 269 -3.49 1.11 -7.68
C ASN A 269 -3.87 1.94 -8.91
N LEU A 270 -2.97 1.94 -9.89
CA LEU A 270 -3.19 2.69 -11.16
C LEU A 270 -4.23 1.95 -12.02
N ALA A 271 -4.68 0.79 -11.54
CA ALA A 271 -5.68 -0.02 -12.28
C ALA A 271 -7.10 0.39 -11.84
N SER A 272 -7.19 1.29 -10.86
CA SER A 272 -8.51 1.76 -10.35
C SER A 272 -9.21 2.61 -11.42
N ASP A 273 -8.42 3.32 -12.24
CA ASP A 273 -8.98 4.17 -13.32
C ASP A 273 -9.14 3.33 -14.59
N THR A 274 -10.28 3.47 -15.28
CA THR A 274 -10.55 2.72 -16.50
C THR A 274 -9.43 2.89 -17.52
N SER A 275 -8.89 4.11 -17.65
CA SER A 275 -7.86 4.35 -18.66
C SER A 275 -6.60 3.56 -18.38
N TYR A 276 -6.27 3.36 -17.10
CA TYR A 276 -5.09 2.56 -16.76
C TYR A 276 -5.39 1.07 -16.88
N GLN A 277 -6.64 0.66 -16.61
CA GLN A 277 -7.02 -0.73 -16.83
C GLN A 277 -6.79 -1.14 -18.28
N LEU A 278 -7.06 -0.23 -19.21
CA LEU A 278 -6.78 -0.49 -20.62
C LEU A 278 -5.28 -0.36 -20.91
N GLU A 279 -4.67 0.71 -20.41
CA GLU A 279 -3.28 0.98 -20.78
C GLU A 279 -2.35 -0.13 -20.32
N ILE A 280 -2.58 -0.67 -19.12
CA ILE A 280 -1.71 -1.75 -18.64
C ILE A 280 -1.81 -2.95 -19.55
N VAL A 281 -3.00 -3.23 -20.09
CA VAL A 281 -3.16 -4.30 -21.06
C VAL A 281 -2.44 -3.95 -22.36
N ARG A 282 -2.63 -2.70 -22.81
CA ARG A 282 -1.99 -2.23 -24.07
C ARG A 282 -0.47 -2.27 -23.95
N ALA A 283 0.07 -2.11 -22.74
CA ALA A 283 1.51 -2.11 -22.50
C ALA A 283 2.07 -3.51 -22.26
N GLY A 284 1.26 -4.56 -22.39
CA GLY A 284 1.74 -5.92 -22.27
C GLY A 284 1.75 -6.50 -20.88
N GLY A 285 0.90 -6.02 -19.97
CA GLY A 285 0.95 -6.47 -18.59
C GLY A 285 0.36 -7.86 -18.37
N LEU A 286 -0.55 -8.29 -19.25
CA LEU A 286 -1.26 -9.54 -19.02
C LEU A 286 -0.34 -10.77 -18.95
N PRO A 287 0.65 -10.96 -19.83
CA PRO A 287 1.48 -12.17 -19.70
C PRO A 287 2.27 -12.23 -18.40
N HIS A 288 2.69 -11.09 -17.88
CA HIS A 288 3.36 -11.08 -16.58
C HIS A 288 2.42 -11.50 -15.47
N LEU A 289 1.20 -10.94 -15.47
CA LEU A 289 0.26 -11.21 -14.38
C LEU A 289 -0.15 -12.67 -14.36
N VAL A 290 -0.35 -13.28 -15.54
CA VAL A 290 -0.77 -14.67 -15.58
C VAL A 290 0.34 -15.60 -15.09
N LYS A 291 1.59 -15.16 -15.16
CA LYS A 291 2.67 -15.92 -14.55
C LYS A 291 2.75 -15.67 -13.05
N LEU A 292 2.59 -14.40 -12.65
CA LEU A 292 2.73 -14.06 -11.24
C LEU A 292 1.66 -14.71 -10.38
N ILE A 293 0.42 -14.84 -10.89
CA ILE A 293 -0.62 -15.49 -10.11
C ILE A 293 -0.39 -16.99 -9.95
N GLN A 294 0.58 -17.56 -10.66
CA GLN A 294 0.95 -18.96 -10.49
C GLN A 294 2.21 -19.15 -9.68
N SER A 295 2.78 -18.07 -9.15
CA SER A 295 4.02 -18.15 -8.39
C SER A 295 3.77 -18.80 -7.02
N ASP A 296 4.84 -19.30 -6.43
CA ASP A 296 4.78 -19.82 -5.06
C ASP A 296 5.02 -18.75 -4.01
N SER A 297 5.42 -17.55 -4.41
CA SER A 297 5.60 -16.46 -3.45
C SER A 297 4.23 -15.85 -3.15
N ILE A 298 3.77 -16.02 -1.91
CA ILE A 298 2.44 -15.52 -1.45
C ILE A 298 2.29 -14.05 -1.83
N PRO A 299 3.26 -13.17 -1.48
CA PRO A 299 3.17 -11.74 -1.81
C PRO A 299 2.93 -11.52 -3.31
N LEU A 300 3.67 -12.25 -4.16
CA LEU A 300 3.54 -12.14 -5.63
C LEU A 300 2.11 -12.49 -6.06
N VAL A 301 1.51 -13.52 -5.44
CA VAL A 301 0.16 -13.93 -5.80
C VAL A 301 -0.85 -12.88 -5.34
N LEU A 302 -0.69 -12.37 -4.11
CA LEU A 302 -1.60 -11.36 -3.58
C LEU A 302 -1.61 -10.12 -4.47
N ALA A 303 -0.43 -9.66 -4.88
CA ALA A 303 -0.35 -8.44 -5.67
C ALA A 303 -0.95 -8.64 -7.05
N SER A 304 -0.60 -9.76 -7.70
CA SER A 304 -1.02 -9.98 -9.08
C SER A 304 -2.51 -10.28 -9.20
N VAL A 305 -3.08 -11.01 -8.24
CA VAL A 305 -4.51 -11.31 -8.34
C VAL A 305 -5.31 -10.06 -8.03
N ALA A 306 -4.84 -9.21 -7.11
CA ALA A 306 -5.52 -7.95 -6.86
C ALA A 306 -5.48 -7.06 -8.09
N CYS A 307 -4.39 -7.14 -8.86
CA CYS A 307 -4.24 -6.20 -9.97
C CYS A 307 -5.05 -6.66 -11.18
N ILE A 308 -5.05 -7.98 -11.47
CA ILE A 308 -5.90 -8.47 -12.55
C ILE A 308 -7.38 -8.30 -12.21
N ARG A 309 -7.74 -8.39 -10.92
CA ARG A 309 -9.12 -8.11 -10.52
C ARG A 309 -9.53 -6.70 -10.92
N ASN A 310 -8.68 -5.71 -10.65
CA ASN A 310 -8.97 -4.35 -11.07
C ASN A 310 -9.04 -4.23 -12.58
N ILE A 311 -8.09 -4.88 -13.27
CA ILE A 311 -8.03 -4.79 -14.74
C ILE A 311 -9.29 -5.39 -15.36
N SER A 312 -9.82 -6.46 -14.76
CA SER A 312 -10.98 -7.15 -15.31
C SER A 312 -12.29 -6.39 -15.11
N ILE A 313 -12.27 -5.26 -14.39
CA ILE A 313 -13.46 -4.44 -14.29
C ILE A 313 -13.84 -3.88 -15.66
N HIS A 314 -12.85 -3.63 -16.51
CA HIS A 314 -13.09 -3.02 -17.82
C HIS A 314 -13.71 -4.03 -18.78
N PRO A 315 -14.88 -3.75 -19.36
CA PRO A 315 -15.50 -4.72 -20.27
C PRO A 315 -14.67 -5.00 -21.51
N LEU A 316 -13.90 -4.03 -21.98
CA LEU A 316 -13.10 -4.24 -23.19
C LEU A 316 -11.87 -5.10 -22.94
N ASN A 317 -11.60 -5.50 -21.70
CA ASN A 317 -10.48 -6.36 -21.37
C ASN A 317 -10.85 -7.84 -21.25
N GLU A 318 -12.15 -8.18 -21.20
CA GLU A 318 -12.55 -9.56 -20.97
C GLU A 318 -11.96 -10.50 -22.01
N GLY A 319 -12.07 -10.13 -23.29
CA GLY A 319 -11.59 -11.00 -24.35
C GLY A 319 -10.10 -11.29 -24.23
N LEU A 320 -9.31 -10.25 -23.97
CA LEU A 320 -7.86 -10.42 -23.92
C LEU A 320 -7.44 -11.19 -22.66
N ILE A 321 -8.19 -11.04 -21.57
CA ILE A 321 -7.85 -11.76 -20.35
C ILE A 321 -8.08 -13.26 -20.55
N VAL A 322 -9.21 -13.63 -21.15
CA VAL A 322 -9.44 -15.05 -21.44
C VAL A 322 -8.39 -15.57 -22.41
N ASP A 323 -8.06 -14.78 -23.43
CA ASP A 323 -7.07 -15.21 -24.43
C ASP A 323 -5.70 -15.40 -23.80
N ALA A 324 -5.33 -14.54 -22.86
CA ALA A 324 -4.06 -14.70 -22.16
C ALA A 324 -4.01 -15.92 -21.25
N GLY A 325 -5.11 -16.65 -21.10
CA GLY A 325 -5.10 -17.90 -20.37
C GLY A 325 -5.34 -17.80 -18.89
N PHE A 326 -6.04 -16.76 -18.43
CA PHE A 326 -6.20 -16.55 -16.98
C PHE A 326 -7.16 -17.53 -16.33
N LEU A 327 -8.07 -18.16 -17.10
CA LEU A 327 -9.20 -18.87 -16.50
C LEU A 327 -8.75 -20.01 -15.59
N LYS A 328 -7.97 -20.95 -16.13
CA LYS A 328 -7.51 -22.07 -15.30
C LYS A 328 -6.63 -21.64 -14.13
N PRO A 329 -5.62 -20.78 -14.31
CA PRO A 329 -4.86 -20.31 -13.13
C PRO A 329 -5.70 -19.59 -12.09
N LEU A 330 -6.74 -18.85 -12.51
CA LEU A 330 -7.61 -18.21 -11.52
C LEU A 330 -8.35 -19.24 -10.69
N VAL A 331 -8.82 -20.30 -11.34
CA VAL A 331 -9.53 -21.37 -10.63
C VAL A 331 -8.60 -22.06 -9.64
N ARG A 332 -7.34 -22.28 -10.04
CA ARG A 332 -6.39 -22.92 -9.13
C ARG A 332 -6.14 -22.07 -7.89
N LEU A 333 -6.32 -20.75 -7.99
CA LEU A 333 -6.15 -19.88 -6.84
C LEU A 333 -7.18 -20.15 -5.75
N LEU A 334 -8.33 -20.74 -6.10
CA LEU A 334 -9.31 -21.06 -5.08
C LEU A 334 -8.80 -22.12 -4.12
N ASP A 335 -7.67 -22.76 -4.41
CA ASP A 335 -7.04 -23.71 -3.51
C ASP A 335 -6.32 -23.05 -2.34
N TYR A 336 -6.14 -21.73 -2.37
CA TYR A 336 -5.57 -21.00 -1.23
C TYR A 336 -6.64 -20.85 -0.15
N LYS A 337 -7.01 -21.99 0.44
CA LYS A 337 -8.12 -21.98 1.39
C LYS A 337 -7.80 -21.23 2.67
N ASP A 338 -6.52 -20.90 2.89
CA ASP A 338 -6.11 -20.11 4.04
C ASP A 338 -5.92 -18.63 3.71
N SER A 339 -6.16 -18.21 2.47
CA SER A 339 -6.04 -16.80 2.10
C SER A 339 -7.40 -16.33 1.58
N GLU A 340 -8.21 -15.78 2.49
CA GLU A 340 -9.46 -15.16 2.09
C GLU A 340 -9.26 -14.09 1.03
N GLU A 341 -8.19 -13.32 1.15
CA GLU A 341 -7.95 -12.24 0.20
C GLU A 341 -7.69 -12.76 -1.20
N ILE A 342 -6.88 -13.82 -1.31
CA ILE A 342 -6.63 -14.42 -2.63
C ILE A 342 -7.91 -15.00 -3.21
N GLN A 343 -8.67 -15.73 -2.38
CA GLN A 343 -9.87 -16.40 -2.87
C GLN A 343 -10.92 -15.40 -3.35
N CYS A 344 -11.18 -14.36 -2.55
CA CYS A 344 -12.17 -13.37 -2.97
C CYS A 344 -11.75 -12.66 -4.25
N HIS A 345 -10.47 -12.27 -4.33
CA HIS A 345 -9.99 -11.57 -5.53
C HIS A 345 -10.12 -12.45 -6.77
N ALA A 346 -9.85 -13.76 -6.62
CA ALA A 346 -9.96 -14.67 -7.74
C ALA A 346 -11.40 -14.84 -8.19
N VAL A 347 -12.31 -15.07 -7.23
CA VAL A 347 -13.73 -15.20 -7.58
C VAL A 347 -14.25 -13.92 -8.20
N SER A 348 -13.87 -12.78 -7.61
CA SER A 348 -14.33 -11.49 -8.12
C SER A 348 -13.84 -11.28 -9.55
N THR A 349 -12.61 -11.68 -9.85
CA THR A 349 -12.11 -11.61 -11.22
C THR A 349 -12.97 -12.45 -12.16
N LEU A 350 -13.27 -13.70 -11.75
CA LEU A 350 -14.10 -14.56 -12.58
C LEU A 350 -15.49 -13.97 -12.77
N ARG A 351 -16.06 -13.37 -11.72
CA ARG A 351 -17.37 -12.73 -11.86
C ARG A 351 -17.31 -11.57 -12.84
N ASN A 352 -16.27 -10.74 -12.76
CA ASN A 352 -16.12 -9.64 -13.70
C ASN A 352 -16.13 -10.13 -15.14
N LEU A 353 -15.38 -11.21 -15.42
CA LEU A 353 -15.32 -11.74 -16.77
C LEU A 353 -16.67 -12.29 -17.22
N ALA A 354 -17.37 -12.97 -16.32
CA ALA A 354 -18.70 -13.48 -16.64
C ALA A 354 -19.69 -12.36 -16.87
N ALA A 355 -19.55 -11.25 -16.14
CA ALA A 355 -20.50 -10.15 -16.27
C ALA A 355 -20.24 -9.33 -17.53
N SER A 356 -19.00 -9.30 -18.02
CA SER A 356 -18.70 -8.47 -19.18
C SER A 356 -19.27 -9.09 -20.45
N SER A 357 -19.19 -10.41 -20.58
CA SER A 357 -19.52 -11.03 -21.87
C SER A 357 -19.90 -12.48 -21.64
N GLU A 358 -20.79 -12.98 -22.50
CA GLU A 358 -21.12 -14.40 -22.57
C GLU A 358 -20.29 -15.13 -23.60
N LYS A 359 -19.38 -14.44 -24.30
CA LYS A 359 -18.77 -15.01 -25.49
C LYS A 359 -17.78 -16.13 -25.17
N ASN A 360 -17.21 -16.14 -23.98
CA ASN A 360 -16.26 -17.18 -23.59
C ASN A 360 -16.84 -18.09 -22.51
N ARG A 361 -18.17 -18.18 -22.43
CA ARG A 361 -18.83 -18.95 -21.39
C ARG A 361 -18.47 -20.43 -21.49
N LYS A 362 -18.23 -20.94 -22.70
CA LYS A 362 -17.84 -22.34 -22.84
C LYS A 362 -16.51 -22.63 -22.16
N GLU A 363 -15.48 -21.84 -22.47
CA GLU A 363 -14.18 -22.03 -21.82
C GLU A 363 -14.27 -21.73 -20.32
N PHE A 364 -15.19 -20.85 -19.93
CA PHE A 364 -15.45 -20.64 -18.50
C PHE A 364 -15.84 -21.94 -17.82
N PHE A 365 -16.73 -22.72 -18.44
CA PHE A 365 -17.14 -23.99 -17.87
C PHE A 365 -16.01 -25.02 -17.91
N GLU A 366 -15.25 -25.06 -19.00
CA GLU A 366 -14.16 -26.01 -19.12
C GLU A 366 -13.04 -25.73 -18.13
N SER A 367 -12.98 -24.53 -17.58
CA SER A 367 -11.98 -24.15 -16.59
C SER A 367 -12.13 -24.87 -15.26
N GLY A 368 -13.27 -25.49 -15.00
CA GLY A 368 -13.57 -26.03 -13.69
C GLY A 368 -14.08 -25.00 -12.70
N ALA A 369 -14.36 -23.77 -13.15
CA ALA A 369 -14.71 -22.69 -12.23
C ALA A 369 -16.01 -22.98 -11.48
N VAL A 370 -16.99 -23.56 -12.18
CA VAL A 370 -18.30 -23.78 -11.56
C VAL A 370 -18.19 -24.85 -10.48
N GLU A 371 -17.54 -25.97 -10.78
CA GLU A 371 -17.40 -27.04 -9.81
C GLU A 371 -16.57 -26.59 -8.61
N LYS A 372 -15.50 -25.83 -8.84
CA LYS A 372 -14.66 -25.37 -7.74
C LYS A 372 -15.41 -24.39 -6.86
N CYS A 373 -16.17 -23.47 -7.46
CA CYS A 373 -16.98 -22.55 -6.67
C CYS A 373 -18.05 -23.30 -5.91
N LYS A 374 -18.65 -24.32 -6.55
CA LYS A 374 -19.61 -25.18 -5.87
C LYS A 374 -19.02 -25.79 -4.60
N GLU A 375 -17.77 -26.25 -4.68
CA GLU A 375 -17.14 -26.89 -3.52
C GLU A 375 -16.83 -25.87 -2.42
N LEU A 376 -16.36 -24.67 -2.80
CA LEU A 376 -16.07 -23.66 -1.79
C LEU A 376 -17.33 -23.06 -1.19
N ALA A 377 -18.47 -23.15 -1.89
CA ALA A 377 -19.67 -22.39 -1.51
C ALA A 377 -20.04 -22.60 -0.05
N LEU A 378 -19.87 -23.82 0.45
CA LEU A 378 -20.29 -24.12 1.82
C LEU A 378 -19.15 -24.13 2.83
N ASP A 379 -17.92 -24.51 2.45
CA ASP A 379 -16.82 -24.46 3.42
C ASP A 379 -15.79 -23.40 3.01
N SER A 380 -16.23 -22.16 3.13
CA SER A 380 -15.41 -20.99 2.89
C SER A 380 -15.93 -19.86 3.77
N PRO A 381 -15.14 -18.82 3.99
CA PRO A 381 -15.61 -17.69 4.79
C PRO A 381 -16.78 -16.97 4.11
N VAL A 382 -17.46 -16.14 4.90
CA VAL A 382 -18.67 -15.48 4.40
C VAL A 382 -18.32 -14.51 3.27
N SER A 383 -17.17 -13.83 3.37
CA SER A 383 -16.78 -12.93 2.29
C SER A 383 -16.55 -13.70 0.99
N VAL A 384 -15.98 -14.90 1.08
CA VAL A 384 -15.84 -15.73 -0.11
C VAL A 384 -17.21 -16.22 -0.58
N GLN A 385 -18.07 -16.59 0.37
CA GLN A 385 -19.45 -16.94 0.02
C GLN A 385 -20.13 -15.80 -0.72
N SER A 386 -19.91 -14.56 -0.27
CA SER A 386 -20.52 -13.42 -0.93
C SER A 386 -20.08 -13.30 -2.38
N GLU A 387 -18.79 -13.55 -2.64
CA GLU A 387 -18.29 -13.45 -4.01
C GLU A 387 -18.83 -14.58 -4.87
N ILE A 388 -18.83 -15.81 -4.34
CA ILE A 388 -19.28 -16.96 -5.12
C ILE A 388 -20.76 -16.85 -5.45
N SER A 389 -21.58 -16.45 -4.47
CA SER A 389 -23.01 -16.37 -4.72
C SER A 389 -23.32 -15.28 -5.75
N ALA A 390 -22.59 -14.16 -5.71
CA ALA A 390 -22.78 -13.11 -6.70
C ALA A 390 -22.39 -13.58 -8.10
N CYS A 391 -21.30 -14.36 -8.18
CA CYS A 391 -20.87 -14.89 -9.47
C CYS A 391 -21.90 -15.88 -10.02
N PHE A 392 -22.42 -16.77 -9.16
CA PHE A 392 -23.52 -17.63 -9.58
C PHE A 392 -24.71 -16.81 -10.07
N ALA A 393 -25.06 -15.74 -9.36
CA ALA A 393 -26.20 -14.91 -9.78
C ALA A 393 -25.94 -14.30 -11.15
N ILE A 394 -24.71 -13.86 -11.40
CA ILE A 394 -24.37 -13.32 -12.72
C ILE A 394 -24.47 -14.40 -13.78
N LEU A 395 -23.93 -15.58 -13.48
CA LEU A 395 -23.95 -16.68 -14.46
C LEU A 395 -25.37 -17.09 -14.82
N ALA A 396 -26.28 -17.04 -13.84
CA ALA A 396 -27.65 -17.51 -14.07
C ALA A 396 -28.47 -16.57 -14.94
N LEU A 397 -27.93 -15.41 -15.34
CA LEU A 397 -28.68 -14.48 -16.17
C LEU A 397 -28.76 -14.96 -17.62
N ALA A 398 -27.67 -15.53 -18.13
CA ALA A 398 -27.62 -15.91 -19.55
C ALA A 398 -28.50 -17.12 -19.78
N ASP A 399 -29.56 -16.95 -20.57
CA ASP A 399 -30.42 -18.07 -20.92
C ASP A 399 -29.64 -19.18 -21.61
N VAL A 400 -28.54 -18.85 -22.28
CA VAL A 400 -27.83 -19.83 -23.08
C VAL A 400 -27.10 -20.86 -22.22
N SER A 401 -26.79 -20.55 -20.96
CA SER A 401 -26.05 -21.47 -20.11
C SER A 401 -26.86 -21.96 -18.91
N LYS A 402 -28.16 -21.69 -18.84
CA LYS A 402 -28.93 -22.05 -17.66
C LYS A 402 -28.94 -23.56 -17.44
N LEU A 403 -29.22 -24.34 -18.50
CA LEU A 403 -29.31 -25.78 -18.34
C LEU A 403 -27.94 -26.39 -18.04
N ASP A 404 -26.87 -25.85 -18.63
CA ASP A 404 -25.52 -26.30 -18.30
C ASP A 404 -25.24 -26.11 -16.81
N LEU A 405 -25.70 -24.98 -16.25
CA LEU A 405 -25.53 -24.75 -14.82
C LEU A 405 -26.32 -25.74 -13.98
N LEU A 406 -27.54 -26.06 -14.41
CA LEU A 406 -28.36 -26.99 -13.65
C LEU A 406 -27.81 -28.42 -13.73
N GLU A 407 -27.34 -28.82 -14.91
CA GLU A 407 -26.72 -30.13 -15.05
C GLU A 407 -25.47 -30.25 -14.19
N ALA A 408 -24.73 -29.15 -14.04
CA ALA A 408 -23.61 -29.10 -13.10
C ALA A 408 -24.06 -29.17 -11.65
N ASN A 409 -25.35 -29.31 -11.38
CA ASN A 409 -25.88 -29.46 -10.03
C ASN A 409 -25.60 -28.22 -9.17
N ILE A 410 -25.72 -27.04 -9.78
CA ILE A 410 -25.50 -25.79 -9.07
C ILE A 410 -26.51 -25.61 -7.94
N LEU A 411 -27.70 -26.22 -8.06
CA LEU A 411 -28.69 -26.12 -7.01
C LEU A 411 -28.21 -26.72 -5.70
N ASP A 412 -27.26 -27.66 -5.76
CA ASP A 412 -26.71 -28.24 -4.54
C ASP A 412 -25.90 -27.22 -3.73
N ALA A 413 -25.38 -26.18 -4.38
CA ALA A 413 -24.76 -25.08 -3.66
C ALA A 413 -25.75 -23.97 -3.35
N LEU A 414 -26.66 -23.66 -4.29
CA LEU A 414 -27.52 -22.50 -4.14
C LEU A 414 -28.53 -22.67 -3.01
N ILE A 415 -29.14 -23.86 -2.91
CA ILE A 415 -30.14 -24.08 -1.88
C ILE A 415 -29.56 -23.91 -0.47
N PRO A 416 -28.46 -24.58 -0.10
CA PRO A 416 -27.88 -24.31 1.23
C PRO A 416 -27.54 -22.85 1.45
N MET A 417 -27.09 -22.15 0.41
CA MET A 417 -26.69 -20.75 0.59
C MET A 417 -27.88 -19.85 0.93
N THR A 418 -29.08 -20.19 0.46
CA THR A 418 -30.26 -19.38 0.81
C THR A 418 -30.59 -19.42 2.30
N PHE A 419 -29.93 -20.28 3.07
CA PHE A 419 -30.09 -20.33 4.52
C PHE A 419 -29.18 -19.36 5.26
N SER A 420 -28.28 -18.69 4.56
CA SER A 420 -27.22 -17.96 5.25
C SER A 420 -27.79 -16.73 5.97
N GLN A 421 -27.22 -16.45 7.14
CA GLN A 421 -27.61 -15.26 7.89
C GLN A 421 -27.10 -13.97 7.25
N ASN A 422 -26.22 -14.07 6.26
CA ASN A 422 -25.72 -12.90 5.56
C ASN A 422 -26.63 -12.61 4.37
N GLN A 423 -27.24 -11.41 4.37
CA GLN A 423 -28.23 -11.07 3.34
C GLN A 423 -27.64 -11.11 1.94
N GLU A 424 -26.35 -10.80 1.82
CA GLU A 424 -25.65 -10.82 0.51
C GLU A 424 -25.60 -12.25 -0.04
N VAL A 425 -25.21 -13.23 0.78
CA VAL A 425 -25.11 -14.61 0.35
C VAL A 425 -26.50 -15.15 0.05
N SER A 426 -27.42 -14.97 0.99
CA SER A 426 -28.77 -15.48 0.82
C SER A 426 -29.47 -14.82 -0.36
N GLY A 427 -29.31 -13.51 -0.51
CA GLY A 427 -30.03 -12.80 -1.57
C GLY A 427 -29.47 -13.09 -2.95
N ASN A 428 -28.15 -13.17 -3.05
CA ASN A 428 -27.53 -13.53 -4.33
C ASN A 428 -27.93 -14.94 -4.76
N ALA A 429 -27.94 -15.88 -3.81
CA ALA A 429 -28.30 -17.25 -4.16
C ALA A 429 -29.78 -17.35 -4.52
N ALA A 430 -30.62 -16.58 -3.83
CA ALA A 430 -32.04 -16.57 -4.16
C ALA A 430 -32.27 -16.02 -5.57
N ALA A 431 -31.58 -14.94 -5.92
CA ALA A 431 -31.72 -14.38 -7.26
C ALA A 431 -31.24 -15.35 -8.33
N ALA A 432 -30.11 -16.03 -8.07
CA ALA A 432 -29.62 -17.03 -9.01
C ALA A 432 -30.65 -18.13 -9.22
N LEU A 433 -31.17 -18.65 -8.12
CA LEU A 433 -32.20 -19.70 -8.18
C LEU A 433 -33.40 -19.24 -8.99
N ALA A 434 -33.87 -18.02 -8.75
CA ALA A 434 -35.05 -17.51 -9.44
C ALA A 434 -34.83 -17.45 -10.95
N ASN A 435 -33.64 -16.98 -11.38
CA ASN A 435 -33.36 -16.91 -12.81
C ASN A 435 -33.20 -18.29 -13.43
N LEU A 436 -32.74 -19.27 -12.66
CA LEU A 436 -32.61 -20.62 -13.19
C LEU A 436 -33.98 -21.26 -13.43
N CYS A 437 -35.00 -20.84 -12.68
CA CYS A 437 -36.35 -21.33 -12.89
C CYS A 437 -37.08 -20.61 -14.00
N SER A 438 -36.49 -19.56 -14.56
CA SER A 438 -37.16 -18.70 -15.52
C SER A 438 -36.81 -19.14 -16.95
N ARG A 439 -37.84 -19.51 -17.72
CA ARG A 439 -37.74 -19.62 -19.17
C ARG A 439 -36.73 -20.70 -19.60
N VAL A 440 -36.65 -21.77 -18.84
CA VAL A 440 -35.86 -22.91 -19.25
C VAL A 440 -36.81 -23.93 -19.86
N ASN A 441 -36.30 -24.78 -20.73
CA ASN A 441 -37.16 -25.75 -21.38
C ASN A 441 -36.93 -27.17 -20.90
N ASN A 442 -36.32 -27.32 -19.73
CA ASN A 442 -36.18 -28.61 -19.08
C ASN A 442 -36.15 -28.36 -17.58
N TYR A 443 -37.15 -28.87 -16.86
CA TYR A 443 -37.25 -28.69 -15.42
C TYR A 443 -36.84 -29.94 -14.65
N THR A 444 -36.15 -30.87 -15.30
CA THR A 444 -35.73 -32.11 -14.64
C THR A 444 -34.94 -31.82 -13.38
N LYS A 445 -33.93 -30.95 -13.47
CA LYS A 445 -33.09 -30.68 -12.31
C LYS A 445 -33.85 -29.89 -11.25
N ILE A 446 -34.75 -29.00 -11.67
CA ILE A 446 -35.58 -28.28 -10.70
C ILE A 446 -36.47 -29.27 -9.94
N ILE A 447 -37.10 -30.19 -10.67
CA ILE A 447 -37.96 -31.17 -10.03
C ILE A 447 -37.15 -32.08 -9.11
N GLU A 448 -35.95 -32.49 -9.55
CA GLU A 448 -35.11 -33.33 -8.72
C GLU A 448 -34.70 -32.63 -7.44
N ALA A 449 -34.60 -31.30 -7.47
CA ALA A 449 -34.19 -30.52 -6.31
C ALA A 449 -35.37 -29.96 -5.53
N TRP A 450 -36.58 -30.47 -5.75
CA TRP A 450 -37.75 -29.88 -5.12
C TRP A 450 -37.71 -30.02 -3.60
N ASP A 451 -37.32 -31.22 -3.14
CA ASP A 451 -37.23 -31.56 -1.71
C ASP A 451 -35.91 -32.30 -1.47
N ARG A 452 -34.89 -31.99 -2.28
CA ARG A 452 -33.57 -32.67 -2.20
C ARG A 452 -32.24 -32.56 -1.46
N PRO A 453 -31.49 -31.44 -1.61
CA PRO A 453 -30.54 -30.79 -0.71
C PRO A 453 -31.11 -29.58 0.05
N ASN A 454 -31.15 -29.69 1.37
CA ASN A 454 -31.65 -28.60 2.26
C ASN A 454 -33.05 -28.17 1.84
N GLU A 455 -34.05 -29.05 2.04
CA GLU A 455 -35.46 -28.71 1.69
C GLU A 455 -35.57 -28.31 0.21
N GLY A 456 -34.53 -28.59 -0.57
CA GLY A 456 -34.51 -28.29 -2.02
C GLY A 456 -35.04 -26.92 -2.36
N ILE A 457 -36.04 -26.86 -3.26
CA ILE A 457 -36.65 -25.57 -3.71
C ILE A 457 -37.92 -25.29 -2.90
N ARG A 458 -38.74 -26.32 -2.67
CA ARG A 458 -39.98 -26.17 -1.92
C ARG A 458 -39.75 -25.43 -0.61
N GLY A 459 -38.76 -25.90 0.17
CA GLY A 459 -38.46 -25.24 1.42
C GLY A 459 -37.95 -23.82 1.25
N PHE A 460 -37.21 -23.58 0.16
CA PHE A 460 -36.75 -22.22 -0.13
C PHE A 460 -37.93 -21.28 -0.36
N LEU A 461 -38.92 -21.72 -1.16
CA LEU A 461 -40.08 -20.87 -1.41
C LEU A 461 -40.83 -20.59 -0.12
N ILE A 462 -41.06 -21.64 0.68
CA ILE A 462 -41.81 -21.47 1.93
C ILE A 462 -41.06 -20.53 2.87
N ARG A 463 -39.74 -20.67 2.95
CA ARG A 463 -38.96 -19.80 3.85
C ARG A 463 -38.98 -18.36 3.37
N PHE A 464 -38.79 -18.13 2.07
CA PHE A 464 -38.71 -16.76 1.58
C PHE A 464 -40.08 -16.10 1.51
N LEU A 465 -41.15 -16.88 1.35
CA LEU A 465 -42.49 -16.31 1.42
C LEU A 465 -42.77 -15.70 2.79
N LYS A 466 -42.13 -16.22 3.83
CA LYS A 466 -42.32 -15.74 5.19
C LYS A 466 -41.40 -14.57 5.56
N SER A 467 -40.44 -14.23 4.71
CA SER A 467 -39.38 -13.33 5.14
C SER A 467 -39.91 -11.92 5.40
N ASP A 468 -39.36 -11.27 6.42
CA ASP A 468 -39.67 -9.88 6.71
C ASP A 468 -39.13 -8.94 5.64
N TYR A 469 -38.27 -9.44 4.75
CA TYR A 469 -37.62 -8.63 3.73
C TYR A 469 -38.51 -8.65 2.49
N ALA A 470 -39.07 -7.49 2.14
CA ALA A 470 -39.99 -7.40 1.01
C ALA A 470 -39.37 -7.92 -0.27
N THR A 471 -38.08 -7.67 -0.47
CA THR A 471 -37.41 -8.16 -1.67
C THR A 471 -37.34 -9.68 -1.68
N PHE A 472 -37.08 -10.30 -0.53
CA PHE A 472 -36.98 -11.75 -0.48
C PHE A 472 -38.35 -12.40 -0.74
N GLU A 473 -39.41 -11.82 -0.18
CA GLU A 473 -40.75 -12.30 -0.49
C GLU A 473 -41.05 -12.17 -1.98
N HIS A 474 -40.66 -11.04 -2.58
CA HIS A 474 -40.93 -10.81 -3.99
C HIS A 474 -40.21 -11.84 -4.87
N ILE A 475 -38.97 -12.20 -4.50
CA ILE A 475 -38.25 -13.22 -5.26
C ILE A 475 -39.01 -14.54 -5.25
N ALA A 476 -39.55 -14.93 -4.09
CA ALA A 476 -40.29 -16.17 -4.00
C ALA A 476 -41.55 -16.12 -4.86
N LEU A 477 -42.30 -15.03 -4.77
CA LEU A 477 -43.53 -14.89 -5.57
C LEU A 477 -43.21 -14.89 -7.06
N TRP A 478 -42.12 -14.22 -7.45
CA TRP A 478 -41.75 -14.17 -8.86
C TRP A 478 -41.25 -15.52 -9.35
N THR A 479 -40.53 -16.25 -8.49
CA THR A 479 -40.12 -17.61 -8.84
C THR A 479 -41.32 -18.51 -9.06
N ILE A 480 -42.33 -18.41 -8.19
CA ILE A 480 -43.54 -19.22 -8.33
C ILE A 480 -44.23 -18.93 -9.66
N LEU A 481 -44.26 -17.66 -10.07
CA LEU A 481 -44.85 -17.32 -11.36
C LEU A 481 -44.08 -17.95 -12.51
N GLN A 482 -42.74 -17.95 -12.43
CA GLN A 482 -41.93 -18.64 -13.45
C GLN A 482 -42.33 -20.10 -13.57
N LEU A 483 -42.52 -20.77 -12.44
CA LEU A 483 -42.94 -22.18 -12.47
C LEU A 483 -44.35 -22.31 -13.00
N LEU A 484 -45.25 -21.42 -12.61
CA LEU A 484 -46.62 -21.48 -13.12
C LEU A 484 -46.66 -21.21 -14.62
N GLU A 485 -45.69 -20.45 -15.14
CA GLU A 485 -45.61 -20.15 -16.56
C GLU A 485 -44.74 -21.14 -17.33
N SER A 486 -44.32 -22.23 -16.69
CA SER A 486 -43.44 -23.19 -17.34
C SER A 486 -44.15 -23.99 -18.43
N HIS A 487 -45.49 -24.03 -18.40
CA HIS A 487 -46.27 -24.95 -19.24
C HIS A 487 -45.79 -26.39 -19.07
N ASN A 488 -45.30 -26.71 -17.86
CA ASN A 488 -44.96 -28.07 -17.48
C ASN A 488 -46.03 -28.52 -16.47
N ASP A 489 -46.83 -29.51 -16.87
CA ASP A 489 -47.93 -29.96 -16.01
C ASP A 489 -47.41 -30.39 -14.64
N LYS A 490 -46.29 -31.11 -14.61
CA LYS A 490 -45.74 -31.56 -13.34
C LYS A 490 -45.25 -30.39 -12.50
N VAL A 491 -44.55 -29.44 -13.14
CA VAL A 491 -44.03 -28.28 -12.41
C VAL A 491 -45.17 -27.45 -11.84
N GLU A 492 -46.21 -27.21 -12.63
CA GLU A 492 -47.34 -26.41 -12.16
C GLU A 492 -48.04 -27.08 -10.98
N ASP A 493 -48.14 -28.42 -11.01
CA ASP A 493 -48.81 -29.13 -9.92
C ASP A 493 -48.01 -29.07 -8.63
N LEU A 494 -46.68 -28.98 -8.71
CA LEU A 494 -45.88 -28.84 -7.51
C LEU A 494 -46.27 -27.59 -6.74
N VAL A 495 -46.59 -26.51 -7.46
CA VAL A 495 -47.05 -25.29 -6.81
C VAL A 495 -48.53 -25.39 -6.47
N LYS A 496 -49.36 -25.71 -7.47
CA LYS A 496 -50.82 -25.65 -7.31
C LYS A 496 -51.39 -26.73 -6.41
N ASN A 497 -50.64 -27.78 -6.11
CA ASN A 497 -51.12 -28.84 -5.22
C ASN A 497 -50.32 -28.88 -3.92
N ASP A 498 -49.79 -27.75 -3.49
CA ASP A 498 -49.03 -27.65 -2.25
C ASP A 498 -49.71 -26.66 -1.33
N ASP A 499 -50.41 -27.19 -0.32
CA ASP A 499 -51.12 -26.35 0.65
C ASP A 499 -50.17 -25.38 1.34
N ASP A 500 -48.95 -25.84 1.67
CA ASP A 500 -48.03 -25.00 2.42
C ASP A 500 -47.52 -23.84 1.57
N ILE A 501 -47.31 -24.07 0.28
CA ILE A 501 -46.94 -22.96 -0.60
C ILE A 501 -48.14 -22.04 -0.82
N ILE A 502 -49.33 -22.60 -0.93
CA ILE A 502 -50.54 -21.79 -1.14
C ILE A 502 -50.79 -20.89 0.06
N ASN A 503 -50.68 -21.44 1.27
CA ASN A 503 -50.89 -20.62 2.46
C ASN A 503 -49.79 -19.59 2.66
N GLY A 504 -48.56 -19.92 2.27
CA GLY A 504 -47.49 -18.92 2.32
C GLY A 504 -47.75 -17.78 1.37
N VAL A 505 -48.34 -18.07 0.21
CA VAL A 505 -48.67 -17.02 -0.74
C VAL A 505 -49.82 -16.16 -0.22
N ARG A 506 -50.86 -16.80 0.31
CA ARG A 506 -52.06 -16.07 0.70
C ARG A 506 -51.86 -15.28 1.98
N LYS A 507 -51.13 -15.88 2.93
CA LYS A 507 -50.85 -15.23 4.23
C LYS A 507 -49.33 -14.98 4.36
N SER B 1 -32.91 4.33 -12.55
CA SER B 1 -32.13 3.48 -11.60
C SER B 1 -31.72 2.18 -12.30
N SER B 2 -32.37 1.86 -13.42
CA SER B 2 -32.06 0.62 -14.18
C SER B 2 -30.54 0.53 -14.44
N ALA B 3 -29.84 1.67 -14.33
CA ALA B 3 -28.41 1.71 -14.55
C ALA B 3 -27.64 1.08 -13.40
N SER B 4 -28.27 0.92 -12.24
CA SER B 4 -27.63 0.23 -11.12
C SER B 4 -27.15 -1.17 -11.50
N PHE B 5 -27.79 -1.79 -12.48
CA PHE B 5 -27.39 -3.11 -12.92
C PHE B 5 -26.10 -3.06 -13.72
N PHE B 6 -25.60 -1.85 -14.00
CA PHE B 6 -24.36 -1.63 -14.70
C PHE B 6 -23.29 -0.98 -13.82
N ARG B 7 -23.49 -0.97 -12.51
CA ARG B 7 -22.52 -0.33 -11.63
C ARG B 7 -21.26 -1.19 -11.54
N PRO B 8 -20.09 -0.66 -11.91
CA PRO B 8 -18.87 -1.46 -11.84
C PRO B 8 -18.46 -1.74 -10.41
N SER B 9 -17.73 -2.84 -10.24
CA SER B 9 -17.21 -3.17 -8.92
C SER B 9 -16.21 -2.12 -8.46
N ASN B 10 -16.10 -1.97 -7.15
CA ASN B 10 -15.10 -1.07 -6.58
C ASN B 10 -13.71 -1.65 -6.77
N PRO B 11 -12.74 -0.84 -7.18
CA PRO B 11 -11.36 -1.32 -7.26
C PRO B 11 -10.77 -1.55 -5.87
N THR B 12 -9.83 -2.49 -5.80
CA THR B 12 -9.05 -2.67 -4.59
C THR B 12 -7.78 -1.84 -4.71
N PHE B 13 -7.32 -1.32 -3.58
CA PHE B 13 -6.14 -0.46 -3.56
C PHE B 13 -5.49 -0.54 -2.18
N GLY B 14 -4.27 -0.03 -2.09
CA GLY B 14 -3.55 -0.08 -0.83
C GLY B 14 -2.28 0.71 -0.88
N THR B 15 -1.79 1.07 0.31
CA THR B 15 -0.52 1.73 0.51
C THR B 15 0.45 0.80 1.23
N SER B 16 1.72 1.16 1.20
CA SER B 16 2.76 0.46 1.96
C SER B 16 3.34 1.46 2.95
N ILE B 17 2.95 1.32 4.22
CA ILE B 17 3.25 2.32 5.25
C ILE B 17 4.47 1.93 6.09
N SER B 18 5.25 0.95 5.64
CA SER B 18 6.36 0.52 6.49
C SER B 18 7.49 1.53 6.41
N ASN B 19 7.88 2.08 7.56
CA ASN B 19 8.95 3.05 7.65
C ASN B 19 10.25 2.50 7.09
N VAL B 20 11.13 3.42 6.68
CA VAL B 20 12.42 3.05 6.11
C VAL B 20 13.39 4.20 6.24
N SER B 42 42.93 13.47 14.81
CA SER B 42 41.92 12.44 14.62
C SER B 42 40.86 12.50 15.72
N SER B 43 40.95 13.51 16.57
CA SER B 43 40.00 13.65 17.67
C SER B 43 39.90 15.12 18.05
N SER B 44 38.83 15.46 18.78
CA SER B 44 38.73 16.79 19.36
C SER B 44 39.77 16.98 20.46
N LYS B 45 40.20 15.90 21.10
CA LYS B 45 41.22 16.00 22.13
C LYS B 45 42.52 16.59 21.58
N ALA B 46 42.92 16.15 20.38
CA ALA B 46 44.13 16.69 19.78
C ALA B 46 44.00 18.19 19.53
N LEU B 47 42.85 18.61 18.98
CA LEU B 47 42.65 20.03 18.74
C LEU B 47 42.61 20.82 20.04
N LEU B 48 41.90 20.29 21.05
CA LEU B 48 41.86 20.96 22.35
C LEU B 48 43.25 21.09 22.96
N SER B 49 44.04 20.02 22.87
CA SER B 49 45.38 20.01 23.44
C SER B 49 46.28 21.08 22.84
N SER B 50 46.01 21.52 21.61
CA SER B 50 46.82 22.58 21.01
C SER B 50 46.56 23.94 21.65
N PHE B 51 45.59 24.04 22.56
CA PHE B 51 45.28 25.29 23.23
C PHE B 51 45.58 25.27 24.72
N ILE B 52 46.09 24.17 25.24
CA ILE B 52 46.43 24.11 26.67
C ILE B 52 47.66 24.97 26.93
N ALA B 53 47.54 25.90 27.88
CA ALA B 53 48.63 26.80 28.22
C ALA B 53 49.50 26.21 29.31
N ARG B 54 50.78 26.58 29.31
CA ARG B 54 51.70 26.17 30.36
C ARG B 54 51.82 27.27 31.41
N SER B 55 52.00 26.86 32.66
CA SER B 55 52.17 27.78 33.77
C SER B 55 52.95 27.08 34.87
N ASP B 56 53.64 27.89 35.66
CA ASP B 56 54.38 27.38 36.80
C ASP B 56 53.47 27.23 38.01
#